data_7OEJ
#
_entry.id   7OEJ
#
_cell.length_a   64.110
_cell.length_b   64.110
_cell.length_c   225.450
_cell.angle_alpha   90.000
_cell.angle_beta   90.000
_cell.angle_gamma   120.000
#
_symmetry.space_group_name_H-M   'P 32 2 1'
#
loop_
_entity.id
_entity.type
_entity.pdbx_description
1 polymer 'N6-adenosine-methyltransferase catalytic subunit'
2 polymer 'N6-adenosine-methyltransferase non-catalytic subunit'
3 non-polymer 4-[[(3S)-3-cyclopropyl-2-azaspiro[3.3]heptan-2-yl]methyl]-N-[[(3R)-1-[6-(methylamino)pyrimidin-4-yl]-3-oxidanyl-piperidin-3-yl]methyl]-2-oxidanyl-benzamide
4 non-polymer 'ACETATE ION'
5 water water
#
loop_
_entity_poly.entity_id
_entity_poly.type
_entity_poly.pdbx_seq_one_letter_code
_entity_poly.pdbx_strand_id
1 'polypeptide(L)'
;MGHHHHHHSSGRENLYFQGALTQSVGGDSSADRLFPPQWICCDIRYLDVSILGKFAVVMADPPWDIHMELPYGTLTDDEM
RRLNIPVLQDDGFLFLWVTGRAMELGRECLNLWGYERVDEIIWVKTNQLQRIIRTGRTGHWLNHGKEHCLVGVKGNPQGF
NQGLDCDVIVAEVRSTSHKPDEIYGMIERLSPGTRKIELFGRPHNVQPNWITLGNQLDGIHLLDPDVVARFKQRYPDGII
SKPKNL
;
A
2 'polypeptide(L)'
;MLKGTQSLNPHNDYCQHFVDTGHRPQNFIRDVGLADRFEEYPKLRELIRLKDELIAKSNTPPMYLQADIEAFDIRELTPK
FDVILLEPPLEEYYRETGITANEKCWTWDDIMKLEIDEIAAPRSFIFLWCGSGEGLDLGRVCLRKWGYRRCEDICWIKTN
KNNPGKTKTLDPKAVFQRTKEHCLMGIKGTVKRSTDGDFIHANVDIDLIITEEPEIGNIEKPVEIFHIIEHFCLGRRRLH
LFGRDSTIRPGWLTVGPTLTNSNYNAETYASYFSAPNSYLTGCTEEIERL
;
B
#
# COMPACT_ATOMS: atom_id res chain seq x y z
N LEU A 34 -1.05 -33.32 3.75
CA LEU A 34 -1.57 -34.27 2.77
C LEU A 34 -2.34 -33.65 1.64
N PHE A 35 -1.80 -33.84 0.45
CA PHE A 35 -2.13 -33.19 -0.80
C PHE A 35 -3.58 -32.69 -0.92
N PRO A 36 -4.63 -33.47 -0.65
CA PRO A 36 -6.03 -32.97 -0.98
C PRO A 36 -6.56 -31.97 0.03
N PRO A 37 -7.58 -31.18 -0.34
CA PRO A 37 -8.07 -30.11 0.55
C PRO A 37 -8.49 -30.64 1.92
N GLN A 38 -8.34 -29.78 2.94
CA GLN A 38 -8.74 -30.08 4.30
C GLN A 38 -9.26 -28.80 4.96
N TRP A 39 -10.18 -28.97 5.90
CA TRP A 39 -10.72 -27.79 6.56
C TRP A 39 -11.29 -28.15 7.92
N ILE A 40 -11.48 -27.12 8.74
CA ILE A 40 -12.01 -27.24 10.10
C ILE A 40 -12.96 -26.06 10.30
N CYS A 41 -14.25 -26.33 10.38
CA CYS A 41 -15.17 -25.31 10.86
C CYS A 41 -14.87 -25.05 12.34
N CYS A 42 -14.66 -23.80 12.70
CA CYS A 42 -14.31 -23.48 14.07
C CYS A 42 -14.36 -21.99 14.28
N ASP A 43 -14.33 -21.61 15.55
CA ASP A 43 -14.05 -20.25 15.96
C ASP A 43 -12.55 -20.14 16.10
N ILE A 44 -11.90 -19.44 15.18
CA ILE A 44 -10.44 -19.39 15.21
C ILE A 44 -9.93 -18.80 16.53
N ARG A 45 -10.77 -18.06 17.25
CA ARG A 45 -10.35 -17.52 18.55
C ARG A 45 -10.04 -18.63 19.53
N TYR A 46 -10.75 -19.76 19.43
CA TYR A 46 -10.73 -20.78 20.47
C TYR A 46 -10.04 -22.07 20.07
N LEU A 47 -9.96 -22.38 18.77
CA LEU A 47 -9.28 -23.60 18.35
C LEU A 47 -7.83 -23.61 18.86
N ASP A 48 -7.39 -24.77 19.34
CA ASP A 48 -6.01 -24.96 19.72
C ASP A 48 -5.24 -25.28 18.44
N VAL A 49 -4.61 -24.26 17.86
CA VAL A 49 -3.97 -24.41 16.55
C VAL A 49 -2.66 -25.17 16.67
N SER A 50 -2.24 -25.50 17.90
CA SER A 50 -1.00 -26.26 18.05
C SER A 50 -1.10 -27.68 17.51
N ILE A 51 -2.32 -28.21 17.37
CA ILE A 51 -2.46 -29.55 16.81
C ILE A 51 -2.18 -29.60 15.30
N LEU A 52 -2.01 -28.45 14.65
CA LEU A 52 -1.97 -28.43 13.20
C LEU A 52 -0.57 -28.55 12.62
N GLY A 53 0.47 -28.45 13.44
CA GLY A 53 1.81 -28.54 12.92
C GLY A 53 2.32 -27.20 12.41
N LYS A 54 3.41 -27.25 11.65
CA LYS A 54 4.08 -26.09 11.13
C LYS A 54 3.83 -25.97 9.64
N PHE A 55 3.76 -24.73 9.14
CA PHE A 55 3.39 -24.48 7.76
C PHE A 55 4.40 -23.58 7.07
N ALA A 56 4.67 -23.86 5.79
CA ALA A 56 5.59 -23.03 5.03
C ALA A 56 4.99 -21.65 4.74
N VAL A 57 3.68 -21.58 4.54
CA VAL A 57 2.98 -20.32 4.26
C VAL A 57 1.73 -20.26 5.10
N VAL A 58 1.48 -19.11 5.72
CA VAL A 58 0.19 -18.78 6.33
C VAL A 58 -0.46 -17.68 5.50
N MET A 59 -1.76 -17.78 5.26
CA MET A 59 -2.51 -16.66 4.72
C MET A 59 -3.75 -16.44 5.58
N ALA A 60 -4.08 -15.15 5.80
CA ALA A 60 -5.22 -14.74 6.62
C ALA A 60 -5.94 -13.58 5.98
N ASP A 61 -7.26 -13.65 5.92
CA ASP A 61 -8.11 -12.55 5.45
C ASP A 61 -9.07 -12.25 6.58
N PRO A 62 -8.61 -11.57 7.63
CA PRO A 62 -9.35 -11.54 8.89
C PRO A 62 -10.54 -10.61 8.82
N PRO A 63 -11.56 -10.84 9.64
CA PRO A 63 -12.70 -9.89 9.78
C PRO A 63 -12.33 -8.73 10.68
N TRP A 64 -11.47 -7.86 10.16
CA TRP A 64 -11.03 -6.71 10.93
C TRP A 64 -12.22 -5.86 11.35
N ASP A 65 -12.12 -5.28 12.55
CA ASP A 65 -13.12 -4.34 13.05
C ASP A 65 -12.91 -2.94 12.48
N ILE A 66 -13.07 -2.83 11.17
CA ILE A 66 -13.09 -1.52 10.54
C ILE A 66 -14.48 -0.93 10.66
N HIS A 67 -14.58 0.39 10.71
CA HIS A 67 -15.91 1.00 10.87
C HIS A 67 -16.74 0.91 9.59
N PRO A 71 -21.74 -6.37 8.38
CA PRO A 71 -21.76 -7.31 7.25
C PRO A 71 -21.53 -8.75 7.71
N TYR A 72 -20.57 -8.95 8.62
CA TYR A 72 -20.32 -10.26 9.22
C TYR A 72 -19.88 -10.08 10.67
N GLY A 73 -19.58 -11.19 11.33
CA GLY A 73 -19.05 -11.14 12.68
C GLY A 73 -17.59 -10.75 12.71
N THR A 74 -17.24 -9.81 13.58
CA THR A 74 -15.97 -9.12 13.57
C THR A 74 -15.10 -9.64 14.72
N LEU A 75 -13.80 -9.33 14.66
CA LEU A 75 -12.88 -9.59 15.76
C LEU A 75 -12.28 -8.27 16.24
N THR A 76 -12.29 -8.07 17.57
CA THR A 76 -11.70 -6.88 18.15
C THR A 76 -10.21 -6.84 17.85
N ASP A 77 -9.66 -5.63 17.91
CA ASP A 77 -8.21 -5.47 17.77
C ASP A 77 -7.44 -6.38 18.71
N ASP A 78 -7.90 -6.52 19.95
CA ASP A 78 -7.17 -7.34 20.92
C ASP A 78 -7.24 -8.81 20.57
N GLU A 79 -8.41 -9.27 20.11
CA GLU A 79 -8.54 -10.65 19.67
C GLU A 79 -7.57 -10.96 18.55
N MET A 80 -7.43 -10.06 17.58
CA MET A 80 -6.48 -10.30 16.51
C MET A 80 -5.05 -10.35 17.04
N ARG A 81 -4.69 -9.42 17.93
CA ARG A 81 -3.36 -9.48 18.54
C ARG A 81 -3.13 -10.81 19.23
N ARG A 82 -4.17 -11.36 19.85
CA ARG A 82 -3.98 -12.55 20.67
C ARG A 82 -4.00 -13.85 19.87
N LEU A 83 -4.28 -13.80 18.57
CA LEU A 83 -4.33 -15.05 17.79
C LEU A 83 -2.97 -15.74 17.85
N ASN A 84 -2.99 -17.05 18.07
CA ASN A 84 -1.75 -17.77 18.27
C ASN A 84 -1.08 -18.09 16.94
N ILE A 85 -0.99 -17.09 16.07
CA ILE A 85 -0.20 -17.17 14.83
C ILE A 85 1.24 -17.64 15.09
N PRO A 86 1.91 -17.22 16.18
CA PRO A 86 3.34 -17.59 16.33
C PRO A 86 3.63 -19.10 16.35
N VAL A 87 2.68 -19.95 16.76
CA VAL A 87 2.96 -21.39 16.78
C VAL A 87 2.88 -22.01 15.40
N LEU A 88 2.30 -21.31 14.42
CA LEU A 88 1.98 -21.92 13.14
C LEU A 88 3.22 -22.14 12.26
N GLN A 89 4.26 -21.32 12.41
CA GLN A 89 5.43 -21.45 11.55
C GLN A 89 6.72 -21.30 12.36
N ASP A 90 7.80 -21.81 11.77
CA ASP A 90 9.17 -21.53 12.19
C ASP A 90 9.93 -20.71 11.16
N ASP A 91 9.87 -21.14 9.90
CA ASP A 91 10.50 -20.40 8.80
C ASP A 91 9.52 -20.39 7.64
N GLY A 92 9.07 -19.20 7.25
CA GLY A 92 8.17 -19.11 6.13
C GLY A 92 7.54 -17.74 6.04
N PHE A 93 6.44 -17.70 5.30
CA PHE A 93 5.82 -16.46 4.87
C PHE A 93 4.39 -16.38 5.35
N LEU A 94 3.98 -15.14 5.65
CA LEU A 94 2.62 -14.81 6.06
C LEU A 94 2.04 -13.86 5.03
N PHE A 95 0.82 -14.15 4.57
CA PHE A 95 0.08 -13.28 3.67
C PHE A 95 -1.15 -12.76 4.41
N LEU A 96 -1.22 -11.43 4.57
CA LEU A 96 -2.20 -10.77 5.46
C LEU A 96 -2.99 -9.69 4.70
N TRP A 97 -4.24 -10.00 4.35
CA TRP A 97 -5.06 -9.00 3.66
C TRP A 97 -5.47 -7.92 4.63
N VAL A 98 -5.51 -6.68 4.15
CA VAL A 98 -5.76 -5.51 4.97
C VAL A 98 -6.53 -4.48 4.15
N THR A 99 -7.33 -3.67 4.83
CA THR A 99 -7.98 -2.51 4.22
C THR A 99 -8.18 -1.50 5.33
N GLY A 100 -8.39 -0.24 4.93
CA GLY A 100 -8.69 0.83 5.89
C GLY A 100 -7.65 0.90 6.99
N ARG A 101 -8.10 1.08 8.23
CA ARG A 101 -7.15 1.20 9.33
C ARG A 101 -6.41 -0.11 9.61
N ALA A 102 -6.93 -1.26 9.15
CA ALA A 102 -6.15 -2.49 9.27
C ALA A 102 -4.89 -2.46 8.43
N MET A 103 -4.71 -1.48 7.57
CA MET A 103 -3.41 -1.34 6.92
C MET A 103 -2.33 -1.05 7.96
N GLU A 104 -2.70 -0.34 9.01
CA GLU A 104 -1.81 -0.05 10.13
C GLU A 104 -1.88 -1.14 11.20
N LEU A 105 -3.10 -1.54 11.56
CA LEU A 105 -3.26 -2.59 12.57
C LEU A 105 -2.68 -3.91 12.07
N GLY A 106 -2.88 -4.21 10.78
CA GLY A 106 -2.28 -5.43 10.23
C GLY A 106 -0.77 -5.41 10.34
N ARG A 107 -0.15 -4.24 10.19
CA ARG A 107 1.29 -4.16 10.35
C ARG A 107 1.69 -4.40 11.79
N GLU A 108 0.87 -3.93 12.73
CA GLU A 108 1.11 -4.17 14.15
C GLU A 108 1.01 -5.66 14.48
N CYS A 109 -0.09 -6.31 14.11
CA CYS A 109 -0.19 -7.74 14.35
C CYS A 109 0.97 -8.48 13.71
N LEU A 110 1.26 -8.15 12.45
CA LEU A 110 2.34 -8.82 11.74
C LEU A 110 3.63 -8.78 12.56
N ASN A 111 3.98 -7.61 13.09
CA ASN A 111 5.20 -7.48 13.88
C ASN A 111 5.05 -8.15 15.25
N LEU A 112 3.91 -7.96 15.92
CA LEU A 112 3.67 -8.65 17.19
C LEU A 112 3.88 -10.14 17.02
N TRP A 113 3.27 -10.72 15.99
CA TRP A 113 3.35 -12.16 15.76
C TRP A 113 4.72 -12.64 15.37
N GLY A 114 5.72 -11.74 15.29
CA GLY A 114 7.07 -12.15 14.99
C GLY A 114 7.49 -12.11 13.54
N TYR A 115 6.82 -11.35 12.69
CA TYR A 115 7.16 -11.27 11.27
C TYR A 115 7.74 -9.90 10.92
N GLU A 116 8.51 -9.88 9.85
CA GLU A 116 8.91 -8.64 9.19
C GLU A 116 8.14 -8.52 7.88
N ARG A 117 7.52 -7.37 7.65
CA ARG A 117 6.83 -7.14 6.38
C ARG A 117 7.86 -6.90 5.29
N VAL A 118 7.98 -7.84 4.34
CA VAL A 118 8.98 -7.73 3.29
C VAL A 118 8.37 -7.46 1.91
N ASP A 119 7.05 -7.48 1.76
CA ASP A 119 6.45 -7.16 0.46
C ASP A 119 5.00 -6.77 0.68
N GLU A 120 4.40 -6.25 -0.38
CA GLU A 120 2.99 -5.87 -0.30
C GLU A 120 2.40 -6.04 -1.69
N ILE A 121 1.50 -6.98 -1.82
CA ILE A 121 0.83 -7.30 -3.07
C ILE A 121 -0.41 -6.44 -3.21
N ILE A 122 -0.65 -5.93 -4.41
CA ILE A 122 -1.85 -5.19 -4.76
CA ILE A 122 -1.92 -5.28 -4.67
C ILE A 122 -2.63 -6.01 -5.78
N TRP A 123 -3.94 -6.14 -5.60
CA TRP A 123 -4.83 -6.75 -6.58
C TRP A 123 -5.62 -5.63 -7.24
N VAL A 124 -5.27 -5.28 -8.49
CA VAL A 124 -6.09 -4.35 -9.26
C VAL A 124 -7.35 -5.05 -9.74
N LYS A 125 -8.50 -4.55 -9.32
CA LYS A 125 -9.78 -5.17 -9.65
C LYS A 125 -10.24 -4.63 -11.00
N THR A 126 -10.49 -5.53 -11.95
CA THR A 126 -11.01 -5.19 -13.28
C THR A 126 -12.33 -5.90 -13.51
N ASN A 127 -13.00 -5.53 -14.61
CA ASN A 127 -14.16 -6.27 -15.10
C ASN A 127 -13.69 -7.36 -16.08
N GLN A 128 -14.59 -7.85 -16.93
CA GLN A 128 -14.22 -8.85 -17.93
C GLN A 128 -13.60 -8.23 -19.18
N LEU A 129 -13.69 -6.90 -19.34
CA LEU A 129 -13.00 -6.19 -20.40
C LEU A 129 -11.68 -5.57 -19.92
N GLN A 130 -11.15 -6.03 -18.78
CA GLN A 130 -9.85 -5.59 -18.24
C GLN A 130 -9.81 -4.09 -17.99
N ARG A 131 -10.90 -3.55 -17.49
CA ARG A 131 -10.98 -2.15 -17.10
C ARG A 131 -11.22 -2.08 -15.59
N ILE A 132 -10.68 -1.03 -14.96
CA ILE A 132 -10.69 -0.96 -13.50
C ILE A 132 -12.11 -0.72 -13.00
N ILE A 133 -12.50 -1.46 -11.97
CA ILE A 133 -13.83 -1.33 -11.38
C ILE A 133 -13.97 -0.02 -10.58
N HIS A 140 -13.53 7.22 0.35
CA HIS A 140 -13.28 8.36 1.23
C HIS A 140 -12.86 9.60 0.43
N TRP A 141 -11.57 9.74 0.17
CA TRP A 141 -11.07 10.82 -0.68
C TRP A 141 -10.92 10.40 -2.13
N LEU A 142 -10.63 9.12 -2.35
CA LEU A 142 -10.42 8.57 -3.67
C LEU A 142 -11.28 7.33 -3.84
N ASN A 143 -11.62 7.04 -5.09
CA ASN A 143 -12.19 5.73 -5.38
C ASN A 143 -11.11 4.67 -5.27
N HIS A 144 -11.51 3.47 -4.90
CA HIS A 144 -10.59 2.41 -4.51
C HIS A 144 -10.50 1.34 -5.59
N GLY A 145 -9.39 1.33 -6.32
CA GLY A 145 -9.23 0.40 -7.41
C GLY A 145 -8.54 -0.89 -7.08
N LYS A 146 -8.28 -1.16 -5.81
CA LYS A 146 -7.35 -2.22 -5.46
C LYS A 146 -7.61 -2.72 -4.03
N GLU A 147 -7.08 -3.90 -3.75
CA GLU A 147 -7.00 -4.46 -2.42
C GLU A 147 -5.55 -4.78 -2.10
N HIS A 148 -5.21 -4.77 -0.82
CA HIS A 148 -3.84 -4.88 -0.35
C HIS A 148 -3.66 -6.18 0.39
N CYS A 149 -2.54 -6.86 0.13
CA CYS A 149 -2.14 -8.03 0.87
C CYS A 149 -0.70 -7.86 1.35
N LEU A 150 -0.52 -7.75 2.65
CA LEU A 150 0.83 -7.65 3.21
C LEU A 150 1.53 -9.01 3.15
N VAL A 151 2.86 -8.97 3.03
CA VAL A 151 3.70 -10.17 2.97
C VAL A 151 4.75 -10.08 4.06
N GLY A 152 4.72 -11.00 5.02
CA GLY A 152 5.68 -11.05 6.10
C GLY A 152 6.55 -12.30 6.07
N VAL A 153 7.77 -12.18 6.58
CA VAL A 153 8.66 -13.32 6.68
C VAL A 153 8.99 -13.56 8.15
N LYS A 154 9.06 -14.83 8.53
CA LYS A 154 9.51 -15.26 9.84
C LYS A 154 10.70 -16.21 9.68
N GLY A 155 11.71 -16.03 10.53
CA GLY A 155 12.85 -16.91 10.50
C GLY A 155 13.66 -16.70 9.24
N ASN A 156 14.19 -17.80 8.70
CA ASN A 156 14.97 -17.76 7.46
C ASN A 156 14.50 -18.87 6.54
N PRO A 157 13.52 -18.58 5.70
CA PRO A 157 12.99 -19.62 4.81
C PRO A 157 14.00 -19.96 3.72
N GLN A 158 14.20 -21.24 3.48
CA GLN A 158 15.17 -21.73 2.52
C GLN A 158 14.46 -22.56 1.47
N GLY A 159 14.88 -22.40 0.22
CA GLY A 159 14.33 -23.20 -0.87
C GLY A 159 13.05 -22.67 -1.43
N PHE A 160 12.73 -21.42 -1.18
CA PHE A 160 11.57 -20.83 -1.81
C PHE A 160 12.00 -20.19 -3.10
N ASN A 161 11.05 -20.04 -4.02
CA ASN A 161 11.33 -19.44 -5.33
C ASN A 161 10.97 -17.96 -5.35
N GLN A 162 11.66 -17.19 -4.52
CA GLN A 162 11.36 -15.77 -4.46
C GLN A 162 11.72 -15.10 -5.77
N GLY A 163 10.86 -14.20 -6.23
CA GLY A 163 11.09 -13.44 -7.44
C GLY A 163 10.46 -14.00 -8.70
N LEU A 164 9.64 -15.03 -8.60
CA LEU A 164 9.04 -15.60 -9.81
C LEU A 164 7.84 -14.79 -10.27
N ASP A 165 7.02 -14.33 -9.33
CA ASP A 165 5.90 -13.45 -9.62
C ASP A 165 6.23 -12.04 -9.19
N CYS A 166 5.45 -11.11 -9.71
CA CYS A 166 5.58 -9.73 -9.31
C CYS A 166 4.41 -9.36 -8.40
N ASP A 167 4.48 -8.17 -7.80
CA ASP A 167 3.60 -7.84 -6.69
C ASP A 167 2.31 -7.18 -7.13
N VAL A 168 1.93 -7.29 -8.39
CA VAL A 168 0.66 -6.75 -8.83
C VAL A 168 -0.15 -7.89 -9.42
N ILE A 169 -1.39 -8.02 -8.96
CA ILE A 169 -2.34 -8.97 -9.51
C ILE A 169 -3.41 -8.17 -10.22
N VAL A 170 -3.64 -8.47 -11.49
CA VAL A 170 -4.76 -7.93 -12.26
C VAL A 170 -5.72 -9.09 -12.49
N ALA A 171 -6.98 -8.92 -12.10
CA ALA A 171 -7.89 -10.06 -12.13
C ALA A 171 -9.32 -9.57 -11.93
N GLU A 172 -10.25 -10.36 -12.44
CA GLU A 172 -11.66 -10.01 -12.45
C GLU A 172 -12.29 -10.24 -11.08
N VAL A 173 -13.10 -9.29 -10.65
CA VAL A 173 -13.81 -9.39 -9.38
C VAL A 173 -14.90 -10.45 -9.49
N ARG A 174 -15.19 -11.11 -8.37
CA ARG A 174 -16.37 -11.96 -8.26
C ARG A 174 -17.19 -11.57 -7.04
N SER A 175 -17.81 -12.55 -6.39
CA SER A 175 -18.68 -12.23 -5.26
C SER A 175 -17.94 -11.34 -4.27
N THR A 176 -18.70 -10.44 -3.64
CA THR A 176 -18.13 -9.62 -2.58
C THR A 176 -17.36 -10.51 -1.61
N SER A 177 -16.20 -10.02 -1.18
CA SER A 177 -15.40 -10.61 -0.13
C SER A 177 -14.55 -11.77 -0.61
N HIS A 178 -14.47 -12.01 -1.92
CA HIS A 178 -13.62 -13.07 -2.45
C HIS A 178 -12.24 -12.53 -2.82
N LYS A 179 -11.20 -13.19 -2.36
CA LYS A 179 -9.89 -12.87 -2.87
C LYS A 179 -9.69 -13.56 -4.22
N PRO A 180 -8.78 -13.07 -5.06
CA PRO A 180 -8.59 -13.68 -6.38
C PRO A 180 -7.79 -14.97 -6.29
N ASP A 181 -8.17 -15.94 -7.14
CA ASP A 181 -7.53 -17.25 -7.10
C ASP A 181 -6.07 -17.22 -7.50
N GLU A 182 -5.65 -16.18 -8.23
CA GLU A 182 -4.24 -16.02 -8.59
C GLU A 182 -3.30 -16.10 -7.39
N ILE A 183 -3.74 -15.67 -6.20
CA ILE A 183 -2.86 -15.67 -5.03
C ILE A 183 -2.41 -17.09 -4.70
N TYR A 184 -3.27 -18.09 -4.90
CA TYR A 184 -2.85 -19.47 -4.62
C TYR A 184 -1.80 -19.96 -5.62
N GLY A 185 -1.93 -19.57 -6.89
CA GLY A 185 -0.87 -19.88 -7.85
C GLY A 185 0.46 -19.24 -7.49
N MET A 186 0.42 -17.94 -7.14
CA MET A 186 1.65 -17.27 -6.74
C MET A 186 2.29 -17.96 -5.55
N ILE A 187 1.46 -18.41 -4.60
CA ILE A 187 1.98 -19.02 -3.40
C ILE A 187 2.52 -20.42 -3.70
N GLU A 188 1.83 -21.16 -4.56
CA GLU A 188 2.34 -22.47 -5.01
C GLU A 188 3.68 -22.34 -5.72
N ARG A 189 3.82 -21.36 -6.62
CA ARG A 189 5.11 -21.25 -7.30
C ARG A 189 6.19 -20.84 -6.32
N LEU A 190 5.85 -20.03 -5.32
CA LEU A 190 6.83 -19.58 -4.34
C LEU A 190 7.32 -20.72 -3.50
N SER A 191 6.45 -21.65 -3.15
CA SER A 191 6.75 -22.71 -2.20
C SER A 191 5.98 -23.95 -2.64
N PRO A 192 6.44 -24.62 -3.70
CA PRO A 192 5.65 -25.74 -4.26
C PRO A 192 5.65 -26.96 -3.36
N GLY A 193 4.47 -27.56 -3.22
CA GLY A 193 4.29 -28.81 -2.51
C GLY A 193 4.30 -28.74 -1.00
N THR A 194 4.63 -27.60 -0.40
CA THR A 194 4.70 -27.53 1.06
C THR A 194 3.30 -27.38 1.65
N ARG A 195 3.21 -27.53 2.98
CA ARG A 195 1.95 -27.36 3.72
C ARG A 195 1.61 -25.88 3.92
N LYS A 196 0.32 -25.57 3.79
CA LYS A 196 -0.11 -24.19 3.92
C LYS A 196 -1.41 -24.11 4.72
N ILE A 197 -1.63 -22.98 5.38
CA ILE A 197 -2.85 -22.83 6.18
C ILE A 197 -3.48 -21.47 5.93
N GLU A 198 -4.80 -21.47 5.76
CA GLU A 198 -5.58 -20.26 5.57
C GLU A 198 -6.50 -20.07 6.77
N LEU A 199 -6.48 -18.86 7.33
CA LEU A 199 -7.34 -18.47 8.43
C LEU A 199 -8.46 -17.60 7.89
N PHE A 200 -9.67 -17.87 8.38
CA PHE A 200 -10.85 -17.10 7.98
C PHE A 200 -11.18 -17.29 6.53
N GLY A 201 -10.91 -18.48 6.00
CA GLY A 201 -11.37 -18.82 4.67
C GLY A 201 -12.80 -19.30 4.68
N ARG A 202 -13.35 -19.42 3.46
CA ARG A 202 -14.70 -19.91 3.25
C ARG A 202 -14.64 -21.16 2.38
N PRO A 203 -15.76 -21.89 2.21
CA PRO A 203 -15.68 -23.17 1.47
C PRO A 203 -15.04 -23.07 0.10
N HIS A 204 -15.31 -22.00 -0.66
CA HIS A 204 -14.67 -21.82 -1.97
C HIS A 204 -13.15 -21.69 -1.88
N ASN A 205 -12.57 -21.51 -0.69
CA ASN A 205 -11.13 -21.32 -0.58
C ASN A 205 -10.36 -22.59 -0.36
N VAL A 206 -11.04 -23.73 -0.16
CA VAL A 206 -10.32 -24.97 0.13
C VAL A 206 -9.56 -25.38 -1.13
N GLN A 207 -8.32 -25.81 -0.93
CA GLN A 207 -7.35 -26.00 -2.00
C GLN A 207 -6.51 -27.20 -1.62
N PRO A 208 -5.93 -27.89 -2.59
CA PRO A 208 -4.93 -28.91 -2.25
C PRO A 208 -3.71 -28.25 -1.63
N ASN A 209 -3.04 -29.01 -0.75
CA ASN A 209 -1.91 -28.57 0.07
C ASN A 209 -2.32 -27.61 1.17
N TRP A 210 -3.58 -27.18 1.25
CA TRP A 210 -4.02 -26.19 2.22
C TRP A 210 -4.98 -26.78 3.26
N ILE A 211 -4.87 -26.30 4.50
CA ILE A 211 -5.86 -26.55 5.55
C ILE A 211 -6.57 -25.24 5.80
N THR A 212 -7.89 -25.23 5.61
CA THR A 212 -8.66 -23.98 5.66
C THR A 212 -9.45 -23.90 6.97
N LEU A 213 -9.33 -22.78 7.68
CA LEU A 213 -10.08 -22.56 8.90
C LEU A 213 -11.04 -21.38 8.72
N GLY A 214 -12.25 -21.55 9.27
CA GLY A 214 -13.29 -20.55 9.15
C GLY A 214 -14.55 -21.10 9.79
N ASN A 215 -15.41 -20.19 10.24
CA ASN A 215 -16.60 -20.62 10.97
C ASN A 215 -17.81 -20.86 10.06
N GLN A 216 -17.65 -20.78 8.74
CA GLN A 216 -18.69 -21.09 7.78
C GLN A 216 -18.32 -22.27 6.91
N LEU A 217 -17.33 -23.05 7.34
CA LEU A 217 -17.02 -24.27 6.65
C LEU A 217 -17.96 -25.38 7.11
N ASP A 218 -18.13 -26.37 6.24
CA ASP A 218 -19.02 -27.49 6.50
C ASP A 218 -18.24 -28.55 7.29
N GLY A 219 -18.34 -28.47 8.61
CA GLY A 219 -17.79 -29.49 9.49
C GLY A 219 -16.27 -29.55 9.50
N ILE A 220 -15.75 -30.75 9.76
CA ILE A 220 -14.32 -30.99 9.88
C ILE A 220 -13.95 -32.06 8.88
N HIS A 221 -12.88 -31.83 8.11
CA HIS A 221 -12.47 -32.73 7.04
C HIS A 221 -10.93 -32.75 7.03
N LEU A 222 -10.36 -33.70 7.77
CA LEU A 222 -8.92 -33.82 7.92
C LEU A 222 -8.45 -35.17 7.40
N LEU A 223 -7.29 -35.18 6.73
CA LEU A 223 -6.79 -36.36 6.04
C LEU A 223 -5.35 -36.68 6.44
N ASP A 224 -4.60 -35.65 6.82
CA ASP A 224 -3.23 -35.78 7.30
C ASP A 224 -3.22 -36.58 8.61
N PRO A 225 -2.53 -37.72 8.67
CA PRO A 225 -2.63 -38.58 9.86
C PRO A 225 -2.08 -37.94 11.14
N ASP A 226 -0.97 -37.21 11.08
CA ASP A 226 -0.45 -36.58 12.29
C ASP A 226 -1.46 -35.57 12.83
N VAL A 227 -2.15 -34.86 11.93
CA VAL A 227 -3.15 -33.89 12.34
C VAL A 227 -4.39 -34.60 12.87
N VAL A 228 -4.85 -35.65 12.17
CA VAL A 228 -5.98 -36.44 12.66
C VAL A 228 -5.67 -36.97 14.07
N ALA A 229 -4.46 -37.48 14.26
CA ALA A 229 -4.06 -37.97 15.58
C ALA A 229 -4.12 -36.86 16.64
N ARG A 230 -3.42 -35.75 16.41
CA ARG A 230 -3.41 -34.69 17.42
C ARG A 230 -4.80 -34.10 17.64
N PHE A 231 -5.64 -34.07 16.60
CA PHE A 231 -7.02 -33.60 16.78
C PHE A 231 -7.81 -34.52 17.71
N LYS A 232 -7.71 -35.84 17.52
CA LYS A 232 -8.43 -36.77 18.40
C LYS A 232 -8.00 -36.60 19.86
N GLN A 233 -6.70 -36.55 20.14
CA GLN A 233 -6.23 -36.32 21.52
C GLN A 233 -6.85 -35.05 22.09
N ARG A 234 -6.64 -33.91 21.43
CA ARG A 234 -7.05 -32.63 21.99
C ARG A 234 -8.57 -32.50 22.02
N TYR A 235 -9.26 -33.15 21.09
CA TYR A 235 -10.71 -33.01 20.93
C TYR A 235 -11.33 -34.39 20.74
N PRO A 236 -11.44 -35.17 21.81
CA PRO A 236 -11.90 -36.57 21.67
C PRO A 236 -13.39 -36.72 21.36
N ASP A 237 -14.22 -35.81 21.82
CA ASP A 237 -15.64 -35.76 21.48
C ASP A 237 -15.91 -34.78 20.34
N GLY A 238 -14.87 -34.37 19.60
CA GLY A 238 -15.04 -33.53 18.43
C GLY A 238 -15.64 -32.15 18.66
N ILE A 239 -15.65 -31.66 19.89
CA ILE A 239 -16.20 -30.33 20.20
C ILE A 239 -15.05 -29.37 20.42
N ILE A 240 -15.23 -28.11 20.02
CA ILE A 240 -14.18 -27.10 20.09
C ILE A 240 -14.77 -25.86 20.76
N SER A 241 -14.71 -25.82 22.10
CA SER A 241 -15.29 -24.72 22.87
C SER A 241 -14.26 -24.13 23.82
N LYS A 242 -14.52 -22.89 24.24
CA LYS A 242 -13.68 -22.15 25.19
C LYS A 242 -12.22 -22.09 24.76
N ASN B 12 -8.47 -15.75 -17.53
CA ASN B 12 -7.07 -16.08 -17.78
C ASN B 12 -6.19 -15.52 -16.65
N ASP B 13 -5.09 -16.21 -16.36
CA ASP B 13 -4.23 -15.89 -15.22
C ASP B 13 -3.04 -15.04 -15.70
N TYR B 14 -3.06 -13.74 -15.35
CA TYR B 14 -1.97 -12.85 -15.75
C TYR B 14 -0.72 -13.03 -14.90
N CYS B 15 -0.84 -13.57 -13.68
CA CYS B 15 0.36 -13.90 -12.91
C CYS B 15 1.12 -15.03 -13.58
N GLN B 16 0.42 -16.09 -14.00
CA GLN B 16 1.08 -17.14 -14.76
CA GLN B 16 1.06 -17.14 -14.76
C GLN B 16 1.65 -16.59 -16.05
N HIS B 17 0.88 -15.73 -16.75
CA HIS B 17 1.38 -15.14 -17.98
C HIS B 17 2.68 -14.40 -17.75
N PHE B 18 2.80 -13.71 -16.62
CA PHE B 18 4.02 -12.96 -16.36
C PHE B 18 5.18 -13.90 -16.12
N VAL B 19 4.95 -15.00 -15.38
CA VAL B 19 6.06 -15.92 -15.16
C VAL B 19 6.46 -16.55 -16.49
N ASP B 20 5.50 -16.73 -17.41
CA ASP B 20 5.80 -17.36 -18.69
C ASP B 20 6.57 -16.42 -19.62
N THR B 21 6.11 -15.16 -19.75
CA THR B 21 6.60 -14.24 -20.78
C THR B 21 7.40 -13.07 -20.25
N GLY B 22 7.17 -12.63 -19.02
CA GLY B 22 7.80 -11.43 -18.51
C GLY B 22 6.99 -10.16 -18.68
N HIS B 23 5.83 -10.25 -19.34
CA HIS B 23 4.90 -9.14 -19.43
C HIS B 23 4.12 -9.03 -18.12
N ARG B 24 4.26 -7.89 -17.44
CA ARG B 24 3.64 -7.71 -16.15
C ARG B 24 2.11 -7.72 -16.28
N PRO B 25 1.41 -8.20 -15.25
CA PRO B 25 -0.05 -8.21 -15.31
C PRO B 25 -0.67 -6.87 -15.69
N GLN B 26 -0.09 -5.77 -15.20
CA GLN B 26 -0.64 -4.44 -15.45
C GLN B 26 -0.51 -3.99 -16.90
N ASN B 27 0.37 -4.63 -17.69
CA ASN B 27 0.43 -4.34 -19.13
C ASN B 27 -0.91 -4.52 -19.82
N PHE B 28 -1.82 -5.32 -19.26
CA PHE B 28 -3.06 -5.70 -19.93
C PHE B 28 -4.28 -4.97 -19.39
N ILE B 29 -4.10 -4.01 -18.48
CA ILE B 29 -5.20 -3.13 -18.12
C ILE B 29 -5.48 -2.20 -19.29
N ARG B 30 -6.75 -2.06 -19.64
CA ARG B 30 -7.16 -1.26 -20.78
C ARG B 30 -7.73 0.08 -20.32
N ASP B 31 -7.68 1.05 -21.24
CA ASP B 31 -8.37 2.33 -21.08
C ASP B 31 -7.83 3.12 -19.89
N VAL B 32 -6.49 3.18 -19.78
CA VAL B 32 -5.84 3.98 -18.74
C VAL B 32 -4.65 4.77 -19.27
N ARG B 45 -18.44 13.40 -15.72
CA ARG B 45 -19.30 12.47 -16.43
C ARG B 45 -19.16 12.69 -17.94
N GLU B 46 -19.35 13.96 -18.35
CA GLU B 46 -18.92 14.39 -19.66
C GLU B 46 -17.48 14.87 -19.55
N LEU B 47 -17.27 16.17 -19.60
CA LEU B 47 -15.98 16.76 -19.28
C LEU B 47 -15.87 17.00 -17.78
N ILE B 48 -14.63 17.15 -17.32
CA ILE B 48 -14.30 17.70 -16.01
C ILE B 48 -13.47 18.96 -16.16
N ARG B 49 -13.27 19.40 -17.40
CA ARG B 49 -12.21 20.35 -17.70
C ARG B 49 -12.44 21.70 -17.02
N LEU B 50 -13.70 22.07 -16.77
CA LEU B 50 -13.95 23.36 -16.11
C LEU B 50 -13.29 23.41 -14.74
N LYS B 51 -13.33 22.29 -14.00
CA LYS B 51 -12.59 22.20 -12.75
C LYS B 51 -11.11 22.47 -12.96
N ASP B 52 -10.50 21.79 -13.94
CA ASP B 52 -9.11 22.07 -14.32
C ASP B 52 -8.89 23.53 -14.65
N GLU B 53 -9.90 24.18 -15.26
CA GLU B 53 -9.78 25.60 -15.59
C GLU B 53 -9.79 26.45 -14.33
N LEU B 54 -10.68 26.15 -13.38
CA LEU B 54 -10.70 26.91 -12.14
C LEU B 54 -9.40 26.73 -11.36
N ILE B 55 -8.86 25.51 -11.35
CA ILE B 55 -7.57 25.27 -10.71
C ILE B 55 -6.50 26.14 -11.34
N ALA B 56 -6.38 26.11 -12.66
CA ALA B 56 -5.35 26.90 -13.34
C ALA B 56 -5.52 28.40 -13.09
N LYS B 57 -6.77 28.86 -12.94
CA LYS B 57 -6.99 30.29 -12.72
C LYS B 57 -6.50 30.73 -11.34
N SER B 58 -6.77 29.95 -10.29
CA SER B 58 -6.40 30.39 -8.97
C SER B 58 -4.96 30.03 -8.59
N ASN B 59 -4.24 29.36 -9.49
CA ASN B 59 -2.85 28.98 -9.20
C ASN B 59 -1.99 30.20 -8.99
N THR B 60 -1.28 30.22 -7.85
CA THR B 60 -0.22 31.17 -7.64
C THR B 60 0.85 30.99 -8.71
N PRO B 61 1.62 32.02 -8.99
CA PRO B 61 2.79 31.86 -9.86
C PRO B 61 3.69 30.77 -9.31
N PRO B 62 4.45 30.08 -10.16
CA PRO B 62 5.41 29.11 -9.64
C PRO B 62 6.48 29.81 -8.84
N MET B 63 6.85 29.21 -7.70
CA MET B 63 7.93 29.73 -6.89
C MET B 63 8.81 28.55 -6.49
N TYR B 64 10.08 28.83 -6.25
CA TYR B 64 11.04 27.76 -6.13
C TYR B 64 12.27 28.30 -5.43
N LEU B 65 12.98 27.42 -4.74
CA LEU B 65 14.15 27.83 -3.96
C LEU B 65 15.12 26.67 -3.93
N GLN B 66 16.34 26.93 -4.35
CA GLN B 66 17.43 25.99 -4.11
C GLN B 66 17.74 26.02 -2.62
N ALA B 67 17.72 24.85 -1.99
CA ALA B 67 18.10 24.72 -0.59
C ALA B 67 18.58 23.30 -0.33
N ASP B 68 19.72 23.16 0.33
CA ASP B 68 20.14 21.86 0.83
C ASP B 68 19.26 21.56 2.05
N ILE B 69 18.29 20.65 1.91
CA ILE B 69 17.30 20.49 2.97
C ILE B 69 17.89 19.81 4.21
N GLU B 70 18.99 19.05 4.08
CA GLU B 70 19.64 18.53 5.28
C GLU B 70 20.05 19.66 6.21
N ALA B 71 20.72 20.68 5.66
CA ALA B 71 21.25 21.80 6.43
C ALA B 71 20.25 22.94 6.60
N PHE B 72 19.17 22.93 5.83
CA PHE B 72 18.27 24.07 5.74
C PHE B 72 17.33 24.07 6.92
N ASP B 73 17.18 25.23 7.57
CA ASP B 73 16.17 25.35 8.62
C ASP B 73 14.81 25.53 7.96
N ILE B 74 14.01 24.47 8.00
CA ILE B 74 12.75 24.45 7.28
C ILE B 74 11.76 25.47 7.81
N ARG B 75 11.97 25.99 9.04
CA ARG B 75 11.13 27.05 9.59
C ARG B 75 11.05 28.26 8.64
N GLU B 76 12.14 28.57 7.95
CA GLU B 76 12.18 29.71 7.02
C GLU B 76 11.10 29.63 5.95
N LEU B 77 10.52 28.46 5.73
CA LEU B 77 9.46 28.30 4.74
C LEU B 77 8.12 28.68 5.38
N THR B 78 7.57 29.80 4.95
CA THR B 78 6.28 30.27 5.46
C THR B 78 5.47 30.84 4.30
N PRO B 79 4.14 30.93 4.45
CA PRO B 79 3.36 30.53 5.64
C PRO B 79 3.21 29.03 5.74
N LYS B 80 2.49 28.54 6.75
CA LYS B 80 2.28 27.12 6.91
C LYS B 80 1.44 26.59 5.75
N PHE B 81 1.76 25.38 5.30
CA PHE B 81 1.27 24.89 4.03
C PHE B 81 -0.01 24.07 4.18
N ASP B 82 -0.86 24.16 3.16
CA ASP B 82 -2.06 23.34 3.09
C ASP B 82 -1.75 21.93 2.59
N VAL B 83 -0.84 21.81 1.62
CA VAL B 83 -0.41 20.52 1.08
C VAL B 83 1.10 20.48 1.05
N ILE B 84 1.67 19.37 1.49
CA ILE B 84 3.10 19.10 1.34
C ILE B 84 3.25 17.82 0.53
N LEU B 85 4.00 17.91 -0.57
CA LEU B 85 4.40 16.75 -1.36
C LEU B 85 5.86 16.48 -1.08
N LEU B 86 6.18 15.30 -0.60
CA LEU B 86 7.51 15.03 -0.07
C LEU B 86 8.07 13.83 -0.80
N GLU B 87 9.23 14.05 -1.43
CA GLU B 87 9.75 13.14 -2.46
C GLU B 87 11.24 12.94 -2.24
N PRO B 88 11.63 12.46 -1.06
CA PRO B 88 13.05 12.35 -0.74
C PRO B 88 13.72 11.34 -1.65
N PRO B 89 14.97 11.56 -2.00
CA PRO B 89 15.63 10.62 -2.94
C PRO B 89 16.13 9.36 -2.26
N LEU B 90 15.31 8.30 -2.28
CA LEU B 90 15.67 7.06 -1.60
C LEU B 90 16.76 6.32 -2.37
N GLU B 91 17.58 5.57 -1.62
CA GLU B 91 18.64 4.78 -2.25
C GLU B 91 18.08 3.83 -3.30
N GLU B 92 16.92 3.23 -3.03
CA GLU B 92 16.36 2.23 -3.93
C GLU B 92 16.01 2.78 -5.30
N TYR B 93 15.89 4.10 -5.45
CA TYR B 93 15.63 4.67 -6.78
C TYR B 93 16.84 4.59 -7.72
N TYR B 94 18.00 4.09 -7.27
CA TYR B 94 19.21 4.06 -8.08
C TYR B 94 19.71 2.61 -8.25
N ARG B 95 20.79 2.47 -9.04
CA ARG B 95 21.39 1.17 -9.39
C ARG B 95 20.42 0.34 -10.21
N LYS B 104 23.14 13.03 -3.37
CA LYS B 104 23.00 12.45 -2.03
C LYS B 104 21.67 11.71 -1.86
N CYS B 105 21.73 10.44 -1.46
CA CYS B 105 20.55 9.67 -1.14
C CYS B 105 20.11 9.95 0.29
N TRP B 106 18.80 9.83 0.55
CA TRP B 106 18.26 10.06 1.88
C TRP B 106 17.76 8.74 2.47
N THR B 107 18.19 8.45 3.69
CA THR B 107 17.65 7.30 4.41
C THR B 107 16.37 7.71 5.13
N TRP B 108 15.64 6.69 5.57
CA TRP B 108 14.46 6.96 6.37
C TRP B 108 14.85 7.58 7.70
N ASP B 109 16.07 7.28 8.17
CA ASP B 109 16.63 7.95 9.33
C ASP B 109 16.68 9.46 9.11
N ASP B 110 17.24 9.89 7.96
CA ASP B 110 17.25 11.30 7.59
C ASP B 110 15.85 11.87 7.51
N ILE B 111 14.96 11.18 6.77
CA ILE B 111 13.66 11.77 6.48
C ILE B 111 12.87 11.96 7.77
N MET B 112 12.91 10.97 8.63
CA MET B 112 12.08 10.99 9.82
C MET B 112 12.55 12.07 10.79
N LYS B 113 13.77 12.59 10.61
CA LYS B 113 14.27 13.71 11.41
C LYS B 113 13.89 15.07 10.85
N LEU B 114 13.22 15.13 9.70
CA LEU B 114 12.71 16.41 9.21
C LEU B 114 11.58 16.92 10.10
N GLU B 115 11.58 18.23 10.37
CA GLU B 115 10.57 18.79 11.27
C GLU B 115 9.34 19.26 10.48
N ILE B 116 8.67 18.30 9.83
CA ILE B 116 7.57 18.62 8.92
C ILE B 116 6.42 19.30 9.65
N ASP B 117 6.14 18.87 10.88
CA ASP B 117 5.03 19.44 11.64
C ASP B 117 5.23 20.94 11.93
N GLU B 118 6.44 21.47 11.77
CA GLU B 118 6.68 22.88 12.00
C GLU B 118 6.19 23.77 10.87
N ILE B 119 5.93 23.19 9.69
CA ILE B 119 5.53 23.98 8.52
C ILE B 119 4.19 23.57 7.96
N ALA B 120 3.51 22.58 8.56
CA ALA B 120 2.20 22.15 8.11
C ALA B 120 1.13 22.95 8.83
N ALA B 121 0.10 23.35 8.10
CA ALA B 121 -0.97 24.10 8.74
C ALA B 121 -1.78 23.15 9.61
N PRO B 122 -2.46 23.67 10.63
CA PRO B 122 -3.18 22.78 11.57
C PRO B 122 -4.15 21.82 10.88
N ARG B 123 -4.85 22.28 9.85
CA ARG B 123 -5.50 21.40 8.91
C ARG B 123 -4.64 21.37 7.65
N SER B 124 -4.07 20.21 7.33
CA SER B 124 -3.23 20.14 6.15
C SER B 124 -3.08 18.68 5.72
N PHE B 125 -2.40 18.50 4.59
CA PHE B 125 -2.29 17.23 3.90
C PHE B 125 -0.86 17.00 3.49
N ILE B 126 -0.48 15.73 3.45
CA ILE B 126 0.86 15.35 3.04
C ILE B 126 0.72 14.20 2.06
N PHE B 127 1.53 14.24 1.01
CA PHE B 127 1.69 13.13 0.08
C PHE B 127 3.16 12.75 0.11
N LEU B 128 3.42 11.53 0.56
CA LEU B 128 4.77 11.03 0.80
C LEU B 128 5.05 9.84 -0.11
N TRP B 129 6.02 10.02 -1.01
CA TRP B 129 6.50 8.92 -1.84
C TRP B 129 7.36 7.99 -0.99
N CYS B 130 6.96 6.73 -0.89
CA CYS B 130 7.57 5.78 0.03
C CYS B 130 8.30 4.65 -0.67
N GLY B 131 8.28 4.62 -1.99
CA GLY B 131 8.97 3.55 -2.67
C GLY B 131 8.20 2.26 -2.55
N SER B 132 8.90 1.16 -2.43
CA SER B 132 8.25 -0.14 -2.41
C SER B 132 8.82 -1.07 -1.36
N GLY B 133 9.74 -0.61 -0.52
CA GLY B 133 10.36 -1.48 0.46
C GLY B 133 9.98 -1.10 1.87
N GLU B 134 10.99 -0.98 2.72
CA GLU B 134 10.79 -0.56 4.10
C GLU B 134 10.13 0.82 4.20
N GLY B 135 10.19 1.62 3.13
CA GLY B 135 9.48 2.89 3.13
C GLY B 135 7.99 2.78 3.39
N LEU B 136 7.38 1.64 3.05
CA LEU B 136 5.94 1.51 3.28
C LEU B 136 5.62 1.42 4.77
N ASP B 137 6.60 1.05 5.59
CA ASP B 137 6.48 1.02 7.03
C ASP B 137 7.03 2.27 7.69
N LEU B 138 8.29 2.61 7.40
CA LEU B 138 8.90 3.81 7.96
C LEU B 138 8.17 5.08 7.55
N GLY B 139 7.59 5.12 6.34
CA GLY B 139 6.81 6.29 5.96
C GLY B 139 5.54 6.45 6.79
N ARG B 140 4.91 5.33 7.17
CA ARG B 140 3.82 5.43 8.12
C ARG B 140 4.29 5.94 9.48
N VAL B 141 5.50 5.56 9.91
CA VAL B 141 6.01 6.09 11.17
C VAL B 141 6.19 7.60 11.06
N CYS B 142 6.74 8.06 9.93
CA CYS B 142 6.93 9.49 9.70
C CYS B 142 5.61 10.24 9.77
N LEU B 143 4.63 9.78 9.01
CA LEU B 143 3.31 10.44 9.02
C LEU B 143 2.81 10.59 10.44
N ARG B 144 2.90 9.52 11.24
CA ARG B 144 2.44 9.60 12.62
C ARG B 144 3.34 10.50 13.45
N LYS B 145 4.63 10.53 13.14
CA LYS B 145 5.54 11.39 13.89
C LYS B 145 5.18 12.86 13.72
N TRP B 146 4.77 13.24 12.51
CA TRP B 146 4.45 14.61 12.15
C TRP B 146 3.00 14.97 12.40
N GLY B 147 2.21 14.04 12.95
CA GLY B 147 0.86 14.35 13.35
C GLY B 147 -0.22 14.01 12.36
N TYR B 148 0.08 13.24 11.33
CA TYR B 148 -0.93 12.89 10.36
C TYR B 148 -1.44 11.47 10.59
N ARG B 149 -2.63 11.21 10.08
CA ARG B 149 -3.13 9.85 9.88
C ARG B 149 -3.27 9.58 8.38
N ARG B 150 -2.95 8.35 7.98
CA ARG B 150 -3.07 7.97 6.58
C ARG B 150 -4.53 7.78 6.22
N CYS B 151 -4.99 8.47 5.17
CA CYS B 151 -6.32 8.20 4.66
C CYS B 151 -6.34 7.56 3.27
N GLU B 152 -5.26 7.62 2.50
CA GLU B 152 -5.20 6.91 1.22
C GLU B 152 -3.81 6.37 0.96
N ASP B 153 -3.77 5.29 0.19
CA ASP B 153 -2.54 4.67 -0.28
C ASP B 153 -2.63 4.71 -1.81
N ILE B 154 -1.93 5.65 -2.45
CA ILE B 154 -1.94 5.77 -3.91
C ILE B 154 -0.80 4.96 -4.50
N CYS B 155 -1.14 4.06 -5.42
N CYS B 155 -1.13 4.04 -5.41
CA CYS B 155 -0.18 3.11 -5.99
CA CYS B 155 -0.14 3.13 -5.98
C CYS B 155 0.17 3.49 -7.42
C CYS B 155 0.18 3.49 -7.41
N TRP B 156 1.45 3.75 -7.67
CA TRP B 156 1.97 3.96 -9.01
C TRP B 156 2.42 2.62 -9.55
N ILE B 157 1.66 2.07 -10.48
CA ILE B 157 1.92 0.76 -11.05
C ILE B 157 2.64 0.95 -12.38
N LYS B 158 3.78 0.30 -12.53
CA LYS B 158 4.65 0.48 -13.68
C LYS B 158 4.48 -0.68 -14.65
N THR B 159 4.06 -0.37 -15.87
CA THR B 159 4.01 -1.35 -16.95
C THR B 159 5.39 -1.54 -17.57
N ASN B 160 5.62 -2.70 -18.16
CA ASN B 160 6.86 -2.95 -18.90
C ASN B 160 6.56 -3.40 -20.33
N LYS B 161 5.58 -2.75 -20.96
CA LYS B 161 5.16 -3.12 -22.32
C LYS B 161 6.31 -3.05 -23.31
N ASN B 162 7.26 -2.15 -23.07
CA ASN B 162 8.36 -1.90 -23.99
C ASN B 162 9.59 -2.75 -23.73
N ASN B 163 9.76 -3.27 -22.52
CA ASN B 163 10.93 -4.11 -22.21
C ASN B 163 10.51 -5.34 -21.39
N PRO B 164 9.60 -6.19 -21.94
CA PRO B 164 9.24 -7.42 -21.21
C PRO B 164 10.46 -8.26 -20.84
N GLY B 165 10.31 -9.08 -19.81
N LEU B 170 16.88 -5.87 -7.00
CA LEU B 170 16.24 -7.10 -6.54
C LEU B 170 16.56 -7.32 -5.07
N ASP B 171 15.79 -6.65 -4.19
CA ASP B 171 16.10 -6.55 -2.76
C ASP B 171 16.23 -7.96 -2.17
N PRO B 172 17.27 -8.20 -1.33
CA PRO B 172 17.44 -9.53 -0.72
C PRO B 172 16.22 -10.03 0.00
N LYS B 173 15.52 -9.15 0.73
CA LYS B 173 14.33 -9.53 1.47
C LYS B 173 13.11 -9.71 0.58
N ALA B 174 13.15 -9.20 -0.66
CA ALA B 174 11.99 -9.27 -1.54
C ALA B 174 11.56 -10.72 -1.80
N VAL B 175 10.26 -10.94 -1.69
CA VAL B 175 9.67 -12.21 -2.10
C VAL B 175 9.25 -12.16 -3.55
N PHE B 176 8.89 -10.97 -4.03
CA PHE B 176 8.33 -10.80 -5.37
C PHE B 176 9.09 -9.70 -6.11
N GLN B 177 8.97 -9.73 -7.42
CA GLN B 177 9.44 -8.61 -8.22
C GLN B 177 8.58 -7.40 -7.90
N ARG B 178 9.24 -6.29 -7.59
CA ARG B 178 8.54 -5.09 -7.19
C ARG B 178 8.29 -4.21 -8.41
N THR B 179 7.01 -4.00 -8.74
CA THR B 179 6.63 -3.30 -9.97
C THR B 179 5.78 -2.05 -9.71
N LYS B 180 5.85 -1.48 -8.51
CA LYS B 180 5.01 -0.35 -8.13
C LYS B 180 5.71 0.49 -7.05
N GLU B 181 5.27 1.74 -6.91
CA GLU B 181 5.67 2.62 -5.82
C GLU B 181 4.43 3.15 -5.13
N HIS B 182 4.53 3.41 -3.81
CA HIS B 182 3.39 3.92 -3.04
C HIS B 182 3.62 5.37 -2.64
N CYS B 183 2.58 6.18 -2.79
CA CYS B 183 2.54 7.54 -2.28
C CYS B 183 1.45 7.60 -1.23
N LEU B 184 1.84 7.80 0.03
CA LEU B 184 0.86 7.83 1.12
C LEU B 184 0.28 9.23 1.31
N MET B 185 -1.04 9.29 1.45
CA MET B 185 -1.73 10.54 1.71
C MET B 185 -2.07 10.61 3.20
N GLY B 186 -1.64 11.68 3.87
CA GLY B 186 -1.98 11.88 5.26
C GLY B 186 -2.78 13.15 5.45
N ILE B 187 -3.65 13.13 6.45
CA ILE B 187 -4.40 14.29 6.89
C ILE B 187 -4.04 14.60 8.35
N LYS B 188 -4.01 15.88 8.69
CA LYS B 188 -3.95 16.28 10.08
C LYS B 188 -5.02 17.33 10.30
N GLY B 189 -5.67 17.25 11.44
CA GLY B 189 -6.72 18.18 11.76
C GLY B 189 -8.07 17.69 11.29
N THR B 190 -9.05 18.58 11.39
CA THR B 190 -10.40 18.30 10.93
C THR B 190 -10.46 18.44 9.40
N VAL B 204 -13.49 12.16 -7.64
CA VAL B 204 -13.53 11.78 -9.06
C VAL B 204 -12.36 10.86 -9.45
N ASP B 205 -11.33 10.83 -8.62
CA ASP B 205 -10.09 10.14 -8.97
C ASP B 205 -9.99 8.77 -8.30
N ILE B 206 -9.14 7.93 -8.87
CA ILE B 206 -8.87 6.59 -8.38
C ILE B 206 -7.52 6.63 -7.66
N ASP B 207 -7.25 5.61 -6.84
CA ASP B 207 -6.01 5.54 -6.09
C ASP B 207 -4.92 4.73 -6.81
N LEU B 208 -4.91 4.74 -8.14
CA LEU B 208 -3.88 4.08 -8.94
C LEU B 208 -3.36 5.03 -10.01
N ILE B 209 -2.08 4.94 -10.31
CA ILE B 209 -1.47 5.63 -11.45
C ILE B 209 -0.74 4.57 -12.25
N ILE B 210 -1.04 4.47 -13.53
CA ILE B 210 -0.49 3.43 -14.39
C ILE B 210 0.28 4.12 -15.50
N THR B 211 1.59 3.93 -15.51
CA THR B 211 2.44 4.42 -16.59
C THR B 211 3.54 3.41 -16.84
N GLU B 212 4.26 3.60 -17.95
CA GLU B 212 5.37 2.72 -18.28
C GLU B 212 6.53 2.99 -17.34
N GLU B 213 7.27 1.94 -17.03
CA GLU B 213 8.40 2.12 -16.13
C GLU B 213 9.43 3.02 -16.80
N PRO B 214 9.90 4.07 -16.13
CA PRO B 214 10.86 4.97 -16.75
C PRO B 214 12.21 4.30 -16.94
N GLU B 215 13.00 4.87 -17.87
CA GLU B 215 14.34 4.37 -18.14
C GLU B 215 15.18 4.37 -16.88
N ILE B 216 16.21 3.52 -16.86
CA ILE B 216 17.05 3.41 -15.67
C ILE B 216 17.69 4.76 -15.36
N GLY B 217 17.81 5.07 -14.07
CA GLY B 217 18.31 6.34 -13.63
C GLY B 217 17.35 7.51 -13.76
N ASN B 218 16.18 7.32 -14.37
CA ASN B 218 15.15 8.34 -14.34
C ASN B 218 14.35 8.20 -13.05
N ILE B 219 14.43 9.22 -12.19
CA ILE B 219 13.80 9.19 -10.88
C ILE B 219 12.47 9.92 -10.85
N GLU B 220 12.07 10.58 -11.94
CA GLU B 220 10.83 11.36 -11.92
C GLU B 220 9.64 10.50 -11.52
N LYS B 221 8.74 11.08 -10.75
CA LYS B 221 7.49 10.42 -10.46
C LYS B 221 6.43 10.92 -11.42
N PRO B 222 5.38 10.13 -11.66
CA PRO B 222 4.35 10.55 -12.62
C PRO B 222 3.72 11.88 -12.26
N VAL B 223 3.73 12.81 -13.22
CA VAL B 223 3.07 14.10 -13.05
C VAL B 223 1.60 13.96 -12.68
N GLU B 224 0.99 12.79 -12.95
CA GLU B 224 -0.40 12.56 -12.56
C GLU B 224 -0.65 12.75 -11.07
N ILE B 225 0.36 12.53 -10.22
CA ILE B 225 0.15 12.75 -8.79
C ILE B 225 -0.23 14.20 -8.54
N PHE B 226 0.27 15.13 -9.37
CA PHE B 226 -0.13 16.53 -9.19
C PHE B 226 -1.60 16.71 -9.53
N HIS B 227 -2.09 16.01 -10.54
CA HIS B 227 -3.49 16.15 -10.89
C HIS B 227 -4.37 15.64 -9.76
N ILE B 228 -4.05 14.47 -9.23
CA ILE B 228 -4.82 13.94 -8.10
C ILE B 228 -4.85 14.95 -6.96
N ILE B 229 -3.70 15.49 -6.59
CA ILE B 229 -3.64 16.42 -5.47
C ILE B 229 -4.49 17.67 -5.77
N GLU B 230 -4.28 18.26 -6.95
CA GLU B 230 -4.98 19.52 -7.23
C GLU B 230 -6.48 19.33 -7.34
N HIS B 231 -6.93 18.16 -7.80
CA HIS B 231 -8.37 17.91 -7.88
C HIS B 231 -9.04 17.75 -6.52
N PHE B 232 -8.27 17.51 -5.44
CA PHE B 232 -8.85 17.46 -4.10
C PHE B 232 -9.27 18.84 -3.58
N CYS B 233 -8.82 19.94 -4.19
CA CYS B 233 -9.20 21.30 -3.77
C CYS B 233 -8.93 21.51 -2.28
N LEU B 234 -7.66 21.37 -1.89
CA LEU B 234 -7.25 21.36 -0.49
C LEU B 234 -6.71 22.69 0.00
N GLY B 235 -6.76 23.74 -0.80
CA GLY B 235 -6.08 24.97 -0.44
C GLY B 235 -4.88 25.23 -1.33
N ARG B 236 -4.38 26.47 -1.25
CA ARG B 236 -3.49 26.98 -2.27
C ARG B 236 -2.03 27.06 -1.85
N ARG B 237 -1.70 26.86 -0.57
CA ARG B 237 -0.30 26.84 -0.13
CA ARG B 237 -0.30 26.85 -0.12
C ARG B 237 0.22 25.43 -0.29
N ARG B 238 0.89 25.17 -1.42
CA ARG B 238 1.34 23.84 -1.79
C ARG B 238 2.86 23.84 -1.88
N LEU B 239 3.49 22.93 -1.12
CA LEU B 239 4.94 22.82 -1.03
C LEU B 239 5.37 21.46 -1.59
N HIS B 240 6.43 21.45 -2.39
CA HIS B 240 7.00 20.21 -2.94
C HIS B 240 8.45 20.12 -2.51
N LEU B 241 8.73 19.27 -1.53
CA LEU B 241 10.08 19.18 -1.02
C LEU B 241 10.81 18.14 -1.83
N PHE B 242 12.04 18.47 -2.22
CA PHE B 242 12.87 17.65 -3.10
C PHE B 242 12.39 17.62 -4.55
N GLY B 243 11.64 18.62 -4.97
CA GLY B 243 11.37 18.80 -6.38
C GLY B 243 12.63 19.24 -7.10
N ARG B 244 12.50 19.42 -8.41
CA ARG B 244 13.64 19.73 -9.25
C ARG B 244 13.22 20.78 -10.27
N ASP B 245 14.20 21.33 -11.01
CA ASP B 245 13.87 22.21 -12.13
C ASP B 245 12.75 21.61 -12.97
N SER B 246 12.80 20.31 -13.22
CA SER B 246 11.84 19.66 -14.11
C SER B 246 10.47 19.48 -13.47
N THR B 247 10.30 19.74 -12.17
CA THR B 247 9.00 19.57 -11.55
C THR B 247 8.31 20.88 -11.23
N ILE B 248 8.97 22.02 -11.44
CA ILE B 248 8.37 23.30 -11.08
C ILE B 248 7.05 23.50 -11.84
N ARG B 249 6.07 24.07 -11.16
CA ARG B 249 4.71 23.98 -11.64
C ARG B 249 3.92 25.14 -11.06
N PRO B 250 3.00 25.77 -11.81
CA PRO B 250 2.21 26.84 -11.22
C PRO B 250 1.39 26.30 -10.06
N GLY B 251 1.11 27.16 -9.09
CA GLY B 251 0.40 26.75 -7.90
C GLY B 251 1.24 26.04 -6.86
N TRP B 252 2.55 25.93 -7.06
CA TRP B 252 3.41 25.16 -6.18
C TRP B 252 4.65 25.94 -5.80
N LEU B 253 5.10 25.75 -4.57
CA LEU B 253 6.44 26.16 -4.14
C LEU B 253 7.31 24.91 -4.09
N THR B 254 8.35 24.91 -4.91
CA THR B 254 9.29 23.81 -5.03
C THR B 254 10.56 24.15 -4.25
N VAL B 255 11.02 23.22 -3.43
CA VAL B 255 12.24 23.40 -2.65
C VAL B 255 13.07 22.12 -2.71
N GLY B 256 14.30 22.23 -3.17
CA GLY B 256 15.15 21.09 -3.31
C GLY B 256 16.58 21.48 -3.57
N PRO B 257 17.51 20.56 -3.34
CA PRO B 257 18.94 20.93 -3.43
C PRO B 257 19.46 21.10 -4.84
N THR B 258 18.81 20.54 -5.86
CA THR B 258 19.39 20.57 -7.20
C THR B 258 18.78 21.63 -8.08
N LEU B 259 17.84 22.43 -7.58
CA LEU B 259 17.34 23.55 -8.36
C LEU B 259 18.50 24.44 -8.73
N THR B 260 18.45 24.98 -9.95
CA THR B 260 19.55 25.82 -10.44
C THR B 260 19.27 27.30 -10.22
N ASN B 261 18.04 27.66 -9.93
CA ASN B 261 17.62 29.04 -9.78
C ASN B 261 16.59 29.12 -8.68
N SER B 262 16.48 30.31 -8.11
CA SER B 262 15.51 30.59 -7.07
C SER B 262 14.78 31.87 -7.40
N ASN B 263 13.54 31.94 -6.93
CA ASN B 263 12.82 33.20 -6.94
C ASN B 263 11.96 33.32 -5.70
N TYR B 264 12.17 32.46 -4.69
CA TYR B 264 11.35 32.48 -3.48
C TYR B 264 11.56 33.76 -2.70
N ASN B 265 10.46 34.43 -2.33
CA ASN B 265 10.51 35.51 -1.35
C ASN B 265 9.37 35.29 -0.39
N ALA B 266 9.69 35.16 0.90
CA ALA B 266 8.68 34.79 1.89
C ALA B 266 7.55 35.80 1.91
N GLU B 267 7.90 37.07 1.87
CA GLU B 267 6.88 38.11 1.87
C GLU B 267 6.10 38.13 0.56
N THR B 268 6.76 37.98 -0.59
CA THR B 268 6.00 37.87 -1.84
C THR B 268 5.08 36.65 -1.82
N TYR B 269 5.60 35.50 -1.40
CA TYR B 269 4.79 34.29 -1.34
C TYR B 269 3.55 34.49 -0.47
N ALA B 270 3.73 35.05 0.72
CA ALA B 270 2.57 35.25 1.61
C ALA B 270 1.55 36.20 1.02
N SER B 271 2.00 37.18 0.23
CA SER B 271 1.04 38.11 -0.35
C SER B 271 0.06 37.44 -1.32
N TYR B 272 0.37 36.25 -1.85
CA TYR B 272 -0.60 35.57 -2.70
C TYR B 272 -1.80 35.04 -1.90
N PHE B 273 -1.68 34.91 -0.58
CA PHE B 273 -2.76 34.38 0.25
C PHE B 273 -3.26 35.39 1.27
N SER B 274 -2.84 36.65 1.19
CA SER B 274 -3.41 37.65 2.08
C SER B 274 -4.89 37.85 1.74
N ALA B 275 -5.61 38.44 2.69
CA ALA B 275 -7.04 38.67 2.53
C ALA B 275 -7.30 39.45 1.25
N PRO B 276 -8.40 39.17 0.53
CA PRO B 276 -9.46 38.20 0.84
C PRO B 276 -9.19 36.77 0.36
N ASN B 277 -7.92 36.38 0.18
CA ASN B 277 -7.61 35.13 -0.50
C ASN B 277 -7.09 34.05 0.43
N SER B 278 -7.39 34.17 1.74
CA SER B 278 -6.74 33.35 2.76
C SER B 278 -7.23 31.90 2.78
N TYR B 279 -8.49 31.65 2.38
CA TYR B 279 -9.12 30.35 2.60
C TYR B 279 -9.63 29.72 1.31
N LEU B 280 -9.19 30.20 0.15
CA LEU B 280 -9.64 29.61 -1.10
C LEU B 280 -9.17 28.16 -1.19
N THR B 281 -10.01 27.32 -1.80
CA THR B 281 -9.67 25.92 -1.99
C THR B 281 -8.74 25.69 -3.17
N GLY B 282 -8.45 26.72 -3.96
CA GLY B 282 -7.75 26.50 -5.21
C GLY B 282 -8.61 25.96 -6.32
N CYS B 283 -9.93 25.84 -6.10
CA CYS B 283 -10.86 25.33 -7.08
C CYS B 283 -12.00 26.29 -7.40
N THR B 284 -11.99 27.50 -6.87
CA THR B 284 -13.07 28.44 -7.10
C THR B 284 -12.57 29.66 -7.90
N GLU B 285 -13.52 30.49 -8.34
CA GLU B 285 -13.19 31.77 -8.97
C GLU B 285 -12.25 32.58 -8.09
N GLU B 286 -11.40 33.37 -8.73
CA GLU B 286 -10.66 34.39 -8.00
C GLU B 286 -11.63 35.43 -7.43
N ILE B 287 -11.17 36.13 -6.40
CA ILE B 287 -11.98 37.14 -5.72
C ILE B 287 -11.73 38.48 -6.39
N GLU B 288 -12.79 39.10 -6.93
CA GLU B 288 -12.70 40.33 -7.72
C GLU B 288 -12.03 41.49 -6.98
#